data_5UVW
#
_entry.id   5UVW
#
_cell.length_a   141.438
_cell.length_b   141.438
_cell.length_c   132.614
_cell.angle_alpha   90.00
_cell.angle_beta   90.00
_cell.angle_gamma   120.00
#
_symmetry.space_group_name_H-M   'P 61 2 2'
#
loop_
_entity.id
_entity.type
_entity.pdbx_description
1 polymer 'Bromodomain-containing protein 4'
2 non-polymer N-[4-(2,4-difluorophenoxy)-3-(6-methyl-7-oxo-6,7-dihydro-1H-pyrrolo[2,3-c]pyridin-4-yl)phenyl]ethanesulfonamide
3 non-polymer 'SULFATE ION'
4 water water
#
_entity_poly.entity_id   1
_entity_poly.type   'polypeptide(L)'
_entity_poly.pdbx_seq_one_letter_code
;KRQTNQLQYLLRVVLKTLWKHQFAWPFQQPVDAVKLNLPDYYKIIKTPMDMGTIKKRLENNYYWNAQECIQDFNTMFTNC
YIYNKPGDDIVLMAEALEKLFLQKINELP
;
_entity_poly.pdbx_strand_id   A,B,C
#
loop_
_chem_comp.id
_chem_comp.type
_chem_comp.name
_chem_comp.formula
8NG non-polymer N-[4-(2,4-difluorophenoxy)-3-(6-methyl-7-oxo-6,7-dihydro-1H-pyrrolo[2,3-c]pyridin-4-yl)phenyl]ethanesulfonamide 'C22 H19 F2 N3 O4 S'
SO4 non-polymer 'SULFATE ION' 'O4 S -2'
#
# COMPACT_ATOMS: atom_id res chain seq x y z
N LYS A 1 -6.79 -28.99 7.89
CA LYS A 1 -8.23 -29.16 7.80
C LYS A 1 -8.82 -30.14 8.86
N ARG A 2 -9.44 -29.58 9.95
CA ARG A 2 -10.17 -30.23 11.08
C ARG A 2 -10.78 -29.14 11.99
N GLN A 3 -12.11 -28.96 11.90
CA GLN A 3 -12.83 -27.94 12.65
C GLN A 3 -13.56 -28.46 13.90
N THR A 4 -13.06 -28.04 15.06
CA THR A 4 -13.65 -28.40 16.33
C THR A 4 -14.67 -27.33 16.73
N ASN A 5 -15.52 -27.65 17.71
CA ASN A 5 -16.49 -26.70 18.26
C ASN A 5 -15.74 -25.51 18.90
N GLN A 6 -14.51 -25.77 19.43
CA GLN A 6 -13.66 -24.74 20.03
C GLN A 6 -13.14 -23.74 18.96
N LEU A 7 -12.69 -24.21 17.78
CA LEU A 7 -12.25 -23.33 16.70
C LEU A 7 -13.44 -22.58 16.12
N GLN A 8 -14.62 -23.21 16.11
CA GLN A 8 -15.86 -22.59 15.64
C GLN A 8 -16.26 -21.43 16.56
N TYR A 9 -16.13 -21.66 17.86
CA TYR A 9 -16.46 -20.67 18.90
C TYR A 9 -15.49 -19.50 18.78
N LEU A 10 -14.19 -19.78 18.57
CA LEU A 10 -13.18 -18.74 18.42
C LEU A 10 -13.48 -17.84 17.21
N LEU A 11 -13.96 -18.41 16.10
CA LEU A 11 -14.29 -17.61 14.92
C LEU A 11 -15.65 -16.88 15.07
N ARG A 12 -16.75 -17.64 15.35
CA ARG A 12 -18.09 -17.06 15.40
C ARG A 12 -18.39 -16.22 16.64
N VAL A 13 -17.69 -16.45 17.75
CA VAL A 13 -17.98 -15.73 18.99
C VAL A 13 -16.85 -14.82 19.42
N VAL A 14 -15.65 -15.39 19.67
CA VAL A 14 -14.51 -14.61 20.21
C VAL A 14 -14.00 -13.54 19.22
N LEU A 15 -13.61 -13.96 18.00
CA LEU A 15 -13.12 -13.01 16.99
C LEU A 15 -14.20 -11.99 16.61
N LYS A 16 -15.45 -12.44 16.42
CA LYS A 16 -16.57 -11.55 16.07
C LYS A 16 -16.78 -10.43 17.11
N THR A 17 -16.74 -10.79 18.41
CA THR A 17 -16.91 -9.83 19.52
C THR A 17 -15.77 -8.83 19.56
N LEU A 18 -14.51 -9.31 19.48
CA LEU A 18 -13.34 -8.44 19.51
C LEU A 18 -13.27 -7.52 18.30
N TRP A 19 -13.59 -8.05 17.10
CA TRP A 19 -13.57 -7.30 15.84
C TRP A 19 -14.49 -6.08 15.87
N LYS A 20 -15.68 -6.21 16.50
CA LYS A 20 -16.70 -5.17 16.61
C LYS A 20 -16.43 -4.13 17.73
N HIS A 21 -15.46 -4.40 18.60
CA HIS A 21 -15.11 -3.48 19.70
C HIS A 21 -14.58 -2.15 19.14
N GLN A 22 -14.86 -1.05 19.84
CA GLN A 22 -14.45 0.30 19.44
C GLN A 22 -12.92 0.46 19.33
N PHE A 23 -12.15 -0.37 20.04
CA PHE A 23 -10.69 -0.30 20.04
C PHE A 23 -10.03 -1.34 19.12
N ALA A 24 -10.83 -2.08 18.34
CA ALA A 24 -10.31 -3.13 17.46
C ALA A 24 -9.54 -2.68 16.24
N TRP A 25 -9.91 -1.52 15.64
CA TRP A 25 -9.41 -1.05 14.34
C TRP A 25 -7.85 -1.03 14.22
N PRO A 26 -7.00 -0.63 15.20
CA PRO A 26 -5.54 -0.71 14.94
C PRO A 26 -5.00 -2.15 14.89
N PHE A 27 -5.83 -3.15 15.21
CA PHE A 27 -5.45 -4.58 15.30
C PHE A 27 -6.08 -5.45 14.22
N GLN A 28 -6.81 -4.85 13.27
CA GLN A 28 -7.50 -5.59 12.19
C GLN A 28 -6.60 -5.94 11.01
N GLN A 29 -5.40 -5.39 10.95
CA GLN A 29 -4.43 -5.64 9.87
C GLN A 29 -3.04 -5.64 10.48
N PRO A 30 -1.99 -6.20 9.80
CA PRO A 30 -0.63 -6.09 10.36
C PRO A 30 -0.20 -4.65 10.55
N VAL A 31 0.68 -4.42 11.54
CA VAL A 31 1.23 -3.09 11.83
C VAL A 31 2.02 -2.61 10.58
N ASP A 32 1.72 -1.39 10.09
CA ASP A 32 2.44 -0.82 8.95
C ASP A 32 3.43 0.16 9.57
N ALA A 33 4.61 -0.35 9.94
CA ALA A 33 5.66 0.44 10.61
C ALA A 33 6.23 1.61 9.77
N VAL A 34 6.15 1.53 8.44
CA VAL A 34 6.60 2.61 7.55
C VAL A 34 5.63 3.81 7.66
N LYS A 35 4.31 3.61 7.40
CA LYS A 35 3.32 4.70 7.47
C LYS A 35 3.20 5.28 8.89
N LEU A 36 3.45 4.44 9.92
CA LEU A 36 3.36 4.85 11.30
C LEU A 36 4.68 5.36 11.88
N ASN A 37 5.77 5.32 11.11
CA ASN A 37 7.12 5.74 11.52
C ASN A 37 7.50 5.04 12.84
N LEU A 38 7.42 3.70 12.85
CA LEU A 38 7.70 2.94 14.08
C LEU A 38 9.11 2.42 13.95
N PRO A 39 10.10 3.14 14.55
CA PRO A 39 11.51 2.75 14.37
C PRO A 39 11.78 1.42 15.04
N ASP A 40 12.41 0.52 14.25
CA ASP A 40 12.87 -0.81 14.66
C ASP A 40 11.75 -1.80 15.03
N TYR A 41 10.48 -1.50 14.65
CA TYR A 41 9.36 -2.39 14.96
C TYR A 41 9.68 -3.83 14.55
N TYR A 42 10.08 -4.03 13.29
CA TYR A 42 10.33 -5.34 12.73
C TYR A 42 11.67 -5.95 13.18
N LYS A 43 12.55 -5.17 13.84
CA LYS A 43 13.79 -5.69 14.46
C LYS A 43 13.44 -6.22 15.85
N ILE A 44 12.57 -5.49 16.59
CA ILE A 44 12.11 -5.83 17.94
C ILE A 44 11.08 -6.99 17.92
N ILE A 45 10.04 -6.89 17.07
CA ILE A 45 8.93 -7.85 16.95
C ILE A 45 9.22 -8.85 15.84
N LYS A 46 9.62 -10.06 16.22
CA LYS A 46 9.98 -11.08 15.23
C LYS A 46 8.79 -11.92 14.77
N THR A 47 7.71 -11.99 15.56
CA THR A 47 6.48 -12.69 15.18
C THR A 47 5.31 -11.68 15.20
N PRO A 48 5.16 -10.81 14.17
CA PRO A 48 4.01 -9.89 14.16
C PRO A 48 2.70 -10.66 14.07
N MET A 49 1.65 -10.16 14.72
CA MET A 49 0.35 -10.84 14.66
C MET A 49 -0.75 -9.78 14.76
N ASP A 50 -1.89 -10.05 14.12
CA ASP A 50 -3.05 -9.15 14.12
C ASP A 50 -4.29 -9.99 13.92
N MET A 51 -5.47 -9.42 14.17
CA MET A 51 -6.76 -10.11 14.04
C MET A 51 -7.15 -10.45 12.62
N GLY A 52 -6.65 -9.69 11.65
CA GLY A 52 -6.87 -9.98 10.23
C GLY A 52 -6.20 -11.28 9.83
N THR A 53 -4.96 -11.51 10.30
CA THR A 53 -4.20 -12.76 10.09
C THR A 53 -4.88 -13.93 10.83
N ILE A 54 -5.32 -13.71 12.08
CA ILE A 54 -6.02 -14.74 12.87
C ILE A 54 -7.32 -15.17 12.14
N LYS A 55 -8.07 -14.18 11.63
CA LYS A 55 -9.32 -14.38 10.88
C LYS A 55 -9.04 -15.26 9.66
N LYS A 56 -8.00 -14.92 8.86
CA LYS A 56 -7.60 -15.72 7.70
C LYS A 56 -7.22 -17.16 8.10
N ARG A 57 -6.42 -17.31 9.17
CA ARG A 57 -6.02 -18.62 9.68
C ARG A 57 -7.22 -19.47 10.13
N LEU A 58 -8.19 -18.87 10.83
CA LEU A 58 -9.41 -19.58 11.22
C LEU A 58 -10.24 -19.99 10.00
N GLU A 59 -10.31 -19.12 8.98
CA GLU A 59 -11.09 -19.39 7.77
C GLU A 59 -10.43 -20.38 6.84
N ASN A 60 -9.08 -20.50 6.89
CA ASN A 60 -8.31 -21.34 5.99
C ASN A 60 -7.78 -22.64 6.60
N ASN A 61 -8.40 -23.10 7.71
CA ASN A 61 -8.05 -24.32 8.46
C ASN A 61 -6.55 -24.42 8.78
N TYR A 62 -5.91 -23.28 9.10
CA TYR A 62 -4.48 -23.24 9.42
C TYR A 62 -4.16 -23.95 10.76
N TYR A 63 -4.94 -23.67 11.81
CA TYR A 63 -4.66 -24.10 13.18
C TYR A 63 -4.75 -25.60 13.44
N TRP A 64 -3.74 -26.12 14.18
CA TRP A 64 -3.75 -27.52 14.61
C TRP A 64 -4.94 -27.73 15.53
N ASN A 65 -5.27 -26.69 16.34
CA ASN A 65 -6.37 -26.70 17.32
C ASN A 65 -6.58 -25.29 17.85
N ALA A 66 -7.60 -25.12 18.72
CA ALA A 66 -8.01 -23.83 19.31
C ALA A 66 -6.91 -23.15 20.14
N GLN A 67 -6.06 -23.96 20.81
CA GLN A 67 -4.97 -23.47 21.66
C GLN A 67 -3.91 -22.74 20.86
N GLU A 68 -3.70 -23.17 19.61
CA GLU A 68 -2.75 -22.51 18.71
C GLU A 68 -3.29 -21.10 18.27
N CYS A 69 -4.61 -20.95 18.16
CA CYS A 69 -5.26 -19.69 17.84
C CYS A 69 -5.18 -18.75 19.05
N ILE A 70 -5.45 -19.28 20.26
CA ILE A 70 -5.31 -18.56 21.52
C ILE A 70 -3.89 -18.00 21.66
N GLN A 71 -2.86 -18.79 21.27
CA GLN A 71 -1.46 -18.35 21.28
C GLN A 71 -1.26 -17.12 20.34
N ASP A 72 -1.87 -17.15 19.12
CA ASP A 72 -1.79 -16.00 18.19
C ASP A 72 -2.40 -14.72 18.79
N PHE A 73 -3.55 -14.84 19.50
CA PHE A 73 -4.16 -13.68 20.18
C PHE A 73 -3.22 -13.12 21.25
N ASN A 74 -2.59 -14.03 22.05
CA ASN A 74 -1.65 -13.62 23.10
C ASN A 74 -0.41 -12.95 22.53
N THR A 75 0.12 -13.47 21.42
CA THR A 75 1.25 -12.86 20.72
C THR A 75 0.89 -11.43 20.25
N MET A 76 -0.31 -11.24 19.68
CA MET A 76 -0.78 -9.92 19.25
C MET A 76 -0.76 -8.90 20.42
N PHE A 77 -1.30 -9.29 21.57
CA PHE A 77 -1.33 -8.41 22.74
C PHE A 77 0.06 -8.14 23.30
N THR A 78 0.90 -9.20 23.49
CA THR A 78 2.25 -9.01 24.07
C THR A 78 3.17 -8.25 23.11
N ASN A 79 3.04 -8.44 21.79
CA ASN A 79 3.81 -7.64 20.80
C ASN A 79 3.59 -6.15 21.06
N CYS A 80 2.34 -5.76 21.32
CA CYS A 80 1.93 -4.39 21.61
C CYS A 80 2.58 -3.88 22.90
N TYR A 81 2.60 -4.72 23.96
CA TYR A 81 3.20 -4.40 25.24
C TYR A 81 4.72 -4.32 25.18
N ILE A 82 5.35 -5.15 24.34
CA ILE A 82 6.81 -5.15 24.14
C ILE A 82 7.23 -3.87 23.40
N TYR A 83 6.60 -3.57 22.26
CA TYR A 83 7.02 -2.45 21.45
C TYR A 83 6.73 -1.07 22.07
N ASN A 84 5.49 -0.88 22.50
CA ASN A 84 5.02 0.43 22.94
C ASN A 84 5.28 0.72 24.39
N LYS A 85 5.31 2.01 24.74
CA LYS A 85 5.52 2.47 26.11
C LYS A 85 4.27 2.19 26.93
N PRO A 86 4.39 1.81 28.23
CA PRO A 86 3.19 1.64 29.06
C PRO A 86 2.48 3.00 29.18
N GLY A 87 1.17 2.98 29.20
CA GLY A 87 0.43 4.25 29.27
C GLY A 87 0.11 4.87 27.92
N ASP A 88 0.70 4.34 26.80
CA ASP A 88 0.37 4.80 25.45
C ASP A 88 -1.07 4.39 25.18
N ASP A 89 -1.79 5.16 24.36
CA ASP A 89 -3.17 4.89 23.98
C ASP A 89 -3.34 3.49 23.37
N ILE A 90 -2.43 3.08 22.46
CA ILE A 90 -2.46 1.76 21.82
C ILE A 90 -2.39 0.60 22.88
N VAL A 91 -1.60 0.80 23.94
CA VAL A 91 -1.45 -0.17 25.05
C VAL A 91 -2.76 -0.27 25.83
N LEU A 92 -3.38 0.88 26.13
CA LEU A 92 -4.69 0.95 26.80
C LEU A 92 -5.76 0.26 25.95
N MET A 93 -5.70 0.43 24.62
CA MET A 93 -6.62 -0.20 23.68
C MET A 93 -6.43 -1.72 23.68
N ALA A 94 -5.16 -2.20 23.64
CA ALA A 94 -4.84 -3.66 23.68
C ALA A 94 -5.30 -4.29 24.99
N GLU A 95 -5.10 -3.59 26.14
CA GLU A 95 -5.50 -4.07 27.47
C GLU A 95 -6.99 -4.28 27.58
N ALA A 96 -7.79 -3.34 27.01
CA ALA A 96 -9.25 -3.44 26.99
C ALA A 96 -9.70 -4.63 26.14
N LEU A 97 -9.06 -4.83 24.97
CA LEU A 97 -9.34 -5.97 24.09
C LEU A 97 -8.96 -7.30 24.74
N GLU A 98 -7.81 -7.33 25.42
CA GLU A 98 -7.30 -8.54 26.10
C GLU A 98 -8.24 -8.94 27.25
N LYS A 99 -8.75 -7.95 28.01
CA LYS A 99 -9.70 -8.20 29.10
C LYS A 99 -10.99 -8.86 28.53
N LEU A 100 -11.54 -8.32 27.43
CA LEU A 100 -12.73 -8.86 26.75
C LEU A 100 -12.43 -10.29 26.23
N PHE A 101 -11.24 -10.47 25.61
CA PHE A 101 -10.78 -11.76 25.09
C PHE A 101 -10.78 -12.83 26.19
N LEU A 102 -10.19 -12.52 27.36
CA LEU A 102 -10.10 -13.45 28.49
C LEU A 102 -11.48 -13.81 29.05
N GLN A 103 -12.42 -12.86 29.05
CA GLN A 103 -13.81 -13.08 29.45
C GLN A 103 -14.49 -14.08 28.51
N LYS A 104 -14.33 -13.87 27.17
CA LYS A 104 -14.93 -14.73 26.16
C LYS A 104 -14.32 -16.14 26.14
N ILE A 105 -13.00 -16.25 26.37
CA ILE A 105 -12.25 -17.50 26.39
C ILE A 105 -12.57 -18.34 27.66
N ASN A 106 -13.10 -17.69 28.72
CA ASN A 106 -13.53 -18.36 29.94
C ASN A 106 -14.76 -19.23 29.66
N GLU A 107 -15.62 -18.79 28.70
CA GLU A 107 -16.83 -19.49 28.28
C GLU A 107 -16.61 -20.45 27.10
N LEU A 108 -15.34 -20.80 26.81
CA LEU A 108 -14.94 -21.69 25.72
C LEU A 108 -15.45 -23.13 25.95
N PRO A 109 -16.09 -23.76 24.93
CA PRO A 109 -16.58 -25.14 25.10
C PRO A 109 -15.45 -26.16 25.06
N THR B 4 -1.96 17.11 -19.34
CA THR B 4 -1.80 18.31 -18.51
C THR B 4 -0.64 18.08 -17.53
N ASN B 5 0.29 19.05 -17.54
CA ASN B 5 1.49 19.10 -16.71
C ASN B 5 1.15 19.32 -15.23
N GLN B 6 0.05 20.06 -14.96
CA GLN B 6 -0.40 20.37 -13.59
C GLN B 6 -0.95 19.12 -12.89
N LEU B 7 -1.76 18.30 -13.59
CA LEU B 7 -2.33 17.04 -13.08
C LEU B 7 -1.19 16.08 -12.79
N GLN B 8 -0.21 16.01 -13.68
CA GLN B 8 0.99 15.20 -13.56
C GLN B 8 1.83 15.67 -12.36
N TYR B 9 1.91 16.99 -12.11
CA TYR B 9 2.61 17.59 -10.96
C TYR B 9 1.87 17.21 -9.64
N LEU B 10 0.52 17.26 -9.65
CA LEU B 10 -0.31 16.90 -8.50
C LEU B 10 -0.09 15.43 -8.10
N LEU B 11 0.13 14.55 -9.09
CA LEU B 11 0.38 13.15 -8.81
C LEU B 11 1.82 12.89 -8.34
N ARG B 12 2.82 13.25 -9.16
CA ARG B 12 4.22 12.95 -8.87
C ARG B 12 4.86 13.80 -7.78
N VAL B 13 4.35 15.00 -7.53
CA VAL B 13 4.97 15.88 -6.53
C VAL B 13 4.07 16.12 -5.33
N VAL B 14 2.85 16.62 -5.54
CA VAL B 14 1.94 17.03 -4.45
C VAL B 14 1.46 15.84 -3.64
N LEU B 15 0.79 14.90 -4.32
CA LEU B 15 0.28 13.70 -3.67
C LEU B 15 1.40 12.89 -3.03
N LYS B 16 2.52 12.71 -3.74
CA LYS B 16 3.68 11.95 -3.23
C LYS B 16 4.23 12.52 -1.93
N THR B 17 4.37 13.88 -1.85
CA THR B 17 4.84 14.57 -0.64
C THR B 17 3.87 14.41 0.52
N LEU B 18 2.57 14.64 0.30
CA LEU B 18 1.56 14.51 1.35
C LEU B 18 1.42 13.07 1.83
N TRP B 19 1.46 12.09 0.90
CA TRP B 19 1.33 10.65 1.20
C TRP B 19 2.40 10.16 2.17
N LYS B 20 3.64 10.68 2.03
CA LYS B 20 4.81 10.31 2.84
C LYS B 20 4.88 11.02 4.21
N HIS B 21 4.03 12.03 4.42
CA HIS B 21 4.00 12.79 5.68
C HIS B 21 3.58 11.87 6.84
N GLN B 22 4.14 12.12 8.03
CA GLN B 22 3.85 11.34 9.23
C GLN B 22 2.37 11.36 9.64
N PHE B 23 1.61 12.39 9.22
CA PHE B 23 0.20 12.53 9.57
C PHE B 23 -0.74 12.09 8.44
N ALA B 24 -0.20 11.53 7.36
CA ALA B 24 -1.00 11.12 6.20
C ALA B 24 -1.88 9.90 6.38
N TRP B 25 -1.45 8.92 7.21
CA TRP B 25 -2.10 7.60 7.33
C TRP B 25 -3.64 7.65 7.62
N PRO B 26 -4.25 8.52 8.45
CA PRO B 26 -5.73 8.49 8.57
C PRO B 26 -6.48 8.99 7.32
N PHE B 27 -5.74 9.53 6.33
CA PHE B 27 -6.29 10.16 5.11
C PHE B 27 -5.98 9.37 3.83
N GLN B 28 -5.36 8.18 3.95
CA GLN B 28 -4.97 7.36 2.80
C GLN B 28 -6.09 6.48 2.26
N GLN B 29 -7.21 6.38 2.99
CA GLN B 29 -8.36 5.56 2.57
C GLN B 29 -9.62 6.29 3.01
N PRO B 30 -10.82 5.95 2.46
CA PRO B 30 -12.06 6.59 2.96
C PRO B 30 -12.27 6.34 4.44
N VAL B 31 -12.92 7.29 5.12
CA VAL B 31 -13.24 7.19 6.55
C VAL B 31 -14.16 5.98 6.71
N ASP B 32 -13.80 5.04 7.61
CA ASP B 32 -14.64 3.87 7.88
C ASP B 32 -15.36 4.22 9.17
N ALA B 33 -16.53 4.88 9.03
CA ALA B 33 -17.36 5.37 10.14
C ALA B 33 -17.84 4.27 11.10
N VAL B 34 -18.05 3.05 10.60
CA VAL B 34 -18.50 1.90 11.37
C VAL B 34 -17.39 1.44 12.34
N LYS B 35 -16.18 1.10 11.82
CA LYS B 35 -15.06 0.65 12.65
C LYS B 35 -14.60 1.74 13.64
N LEU B 36 -14.76 3.02 13.24
CA LEU B 36 -14.36 4.15 14.08
C LEU B 36 -15.45 4.67 15.02
N ASN B 37 -16.68 4.10 14.93
CA ASN B 37 -17.85 4.49 15.73
C ASN B 37 -18.10 6.01 15.56
N LEU B 38 -18.21 6.45 14.30
CA LEU B 38 -18.41 7.87 14.02
C LEU B 38 -19.88 8.08 13.72
N PRO B 39 -20.67 8.48 14.76
CA PRO B 39 -22.11 8.61 14.54
C PRO B 39 -22.46 9.73 13.57
N ASP B 40 -23.31 9.39 12.60
CA ASP B 40 -23.87 10.27 11.57
C ASP B 40 -22.84 10.86 10.61
N TYR B 41 -21.65 10.24 10.50
CA TYR B 41 -20.59 10.71 9.61
C TYR B 41 -21.08 10.91 8.20
N TYR B 42 -21.75 9.90 7.66
CA TYR B 42 -22.25 9.89 6.29
C TYR B 42 -23.55 10.72 6.11
N LYS B 43 -24.21 11.13 7.22
CA LYS B 43 -25.37 12.05 7.15
C LYS B 43 -24.82 13.49 7.11
N ILE B 44 -23.75 13.78 7.90
CA ILE B 44 -23.10 15.08 7.99
C ILE B 44 -22.22 15.34 6.76
N ILE B 45 -21.38 14.35 6.37
CA ILE B 45 -20.44 14.47 5.25
C ILE B 45 -21.07 13.90 3.98
N LYS B 46 -21.54 14.79 3.10
CA LYS B 46 -22.22 14.36 1.88
C LYS B 46 -21.27 14.02 0.74
N THR B 47 -20.04 14.59 0.75
CA THR B 47 -19.05 14.28 -0.28
C THR B 47 -17.77 13.78 0.43
N PRO B 48 -17.73 12.52 0.90
CA PRO B 48 -16.49 12.02 1.53
C PRO B 48 -15.32 12.03 0.55
N MET B 49 -14.11 12.31 1.05
CA MET B 49 -12.93 12.37 0.19
C MET B 49 -11.71 11.97 0.98
N ASP B 50 -10.74 11.34 0.30
CA ASP B 50 -9.49 10.90 0.91
C ASP B 50 -8.42 10.86 -0.15
N MET B 51 -7.13 10.78 0.26
CA MET B 51 -5.99 10.74 -0.66
C MET B 51 -5.91 9.46 -1.51
N GLY B 52 -6.46 8.36 -1.02
CA GLY B 52 -6.52 7.11 -1.77
C GLY B 52 -7.41 7.25 -2.97
N THR B 53 -8.59 7.90 -2.81
CA THR B 53 -9.53 8.19 -3.89
C THR B 53 -8.90 9.19 -4.88
N ILE B 54 -8.22 10.25 -4.37
CA ILE B 54 -7.57 11.25 -5.23
C ILE B 54 -6.49 10.57 -6.08
N LYS B 55 -5.67 9.69 -5.46
CA LYS B 55 -4.62 8.90 -6.12
C LYS B 55 -5.23 8.08 -7.26
N LYS B 56 -6.32 7.33 -6.98
CA LYS B 56 -7.00 6.54 -8.00
C LYS B 56 -7.51 7.44 -9.14
N ARG B 57 -8.12 8.59 -8.82
CA ARG B 57 -8.63 9.54 -9.82
C ARG B 57 -7.54 10.09 -10.71
N LEU B 58 -6.37 10.42 -10.15
CA LEU B 58 -5.21 10.92 -10.89
C LEU B 58 -4.61 9.83 -11.79
N GLU B 59 -4.67 8.58 -11.33
CA GLU B 59 -4.12 7.47 -12.09
C GLU B 59 -5.06 6.95 -13.16
N ASN B 60 -6.38 7.18 -13.00
CA ASN B 60 -7.42 6.67 -13.89
C ASN B 60 -8.08 7.69 -14.79
N ASN B 61 -7.39 8.82 -15.05
CA ASN B 61 -7.84 9.92 -15.93
C ASN B 61 -9.24 10.43 -15.60
N TYR B 62 -9.58 10.47 -14.30
CA TYR B 62 -10.90 10.93 -13.89
C TYR B 62 -11.10 12.44 -14.07
N TYR B 63 -10.11 13.25 -13.65
CA TYR B 63 -10.24 14.70 -13.60
C TYR B 63 -10.33 15.42 -14.95
N TRP B 64 -11.30 16.33 -15.07
CA TRP B 64 -11.44 17.21 -16.25
C TRP B 64 -10.22 18.15 -16.27
N ASN B 65 -9.71 18.58 -15.08
CA ASN B 65 -8.55 19.48 -14.95
C ASN B 65 -7.95 19.44 -13.55
N ALA B 66 -6.81 20.14 -13.32
CA ALA B 66 -6.09 20.24 -12.05
C ALA B 66 -6.93 20.87 -10.95
N GLN B 67 -7.81 21.83 -11.30
CA GLN B 67 -8.65 22.48 -10.33
C GLN B 67 -9.67 21.55 -9.70
N GLU B 68 -10.21 20.60 -10.48
CA GLU B 68 -11.17 19.62 -9.96
C GLU B 68 -10.45 18.74 -8.90
N CYS B 69 -9.15 18.44 -9.12
CA CYS B 69 -8.30 17.68 -8.19
C CYS B 69 -8.04 18.48 -6.92
N ILE B 70 -7.63 19.78 -7.06
CA ILE B 70 -7.39 20.70 -5.93
C ILE B 70 -8.65 20.79 -5.06
N GLN B 71 -9.83 20.82 -5.69
CA GLN B 71 -11.09 20.85 -4.96
C GLN B 71 -11.28 19.57 -4.11
N ASP B 72 -10.88 18.38 -4.62
CA ASP B 72 -10.98 17.12 -3.83
C ASP B 72 -10.08 17.20 -2.58
N PHE B 73 -8.86 17.73 -2.73
CA PHE B 73 -7.99 17.89 -1.56
C PHE B 73 -8.63 18.84 -0.53
N ASN B 74 -9.24 19.97 -0.98
CA ASN B 74 -9.89 20.92 -0.09
C ASN B 74 -11.10 20.31 0.59
N THR B 75 -11.90 19.52 -0.16
CA THR B 75 -13.05 18.80 0.40
C THR B 75 -12.59 17.84 1.51
N MET B 76 -11.48 17.09 1.29
CA MET B 76 -10.93 16.18 2.30
C MET B 76 -10.62 16.94 3.61
N PHE B 77 -9.93 18.08 3.50
CA PHE B 77 -9.58 18.87 4.69
C PHE B 77 -10.81 19.47 5.38
N THR B 78 -11.74 20.10 4.61
CA THR B 78 -12.93 20.73 5.23
C THR B 78 -13.89 19.68 5.79
N ASN B 79 -14.02 18.49 5.18
CA ASN B 79 -14.83 17.39 5.74
C ASN B 79 -14.36 17.09 7.16
N CYS B 80 -13.05 17.06 7.36
CA CYS B 80 -12.41 16.80 8.66
C CYS B 80 -12.77 17.90 9.67
N TYR B 81 -12.72 19.18 9.23
CA TYR B 81 -13.06 20.35 10.06
C TYR B 81 -14.54 20.40 10.40
N ILE B 82 -15.41 19.96 9.47
CA ILE B 82 -16.86 19.93 9.67
C ILE B 82 -17.23 18.86 10.69
N TYR B 83 -16.76 17.60 10.46
CA TYR B 83 -17.17 16.51 11.32
C TYR B 83 -16.59 16.56 12.74
N ASN B 84 -15.30 16.77 12.84
CA ASN B 84 -14.58 16.69 14.11
C ASN B 84 -14.56 17.99 14.90
N LYS B 85 -14.34 17.86 16.21
CA LYS B 85 -14.26 18.98 17.13
C LYS B 85 -12.95 19.72 16.91
N PRO B 86 -12.91 21.07 17.06
CA PRO B 86 -11.62 21.78 16.94
C PRO B 86 -10.72 21.33 18.10
N GLY B 87 -9.43 21.24 17.84
CA GLY B 87 -8.51 20.78 18.87
C GLY B 87 -8.34 19.27 18.93
N ASP B 88 -9.17 18.50 18.18
CA ASP B 88 -9.01 17.04 18.09
C ASP B 88 -7.70 16.79 17.34
N ASP B 89 -7.02 15.68 17.66
CA ASP B 89 -5.76 15.28 17.03
C ASP B 89 -5.89 15.18 15.50
N ILE B 90 -6.98 14.60 15.01
CA ILE B 90 -7.24 14.45 13.56
C ILE B 90 -7.30 15.82 12.85
N VAL B 91 -7.89 16.86 13.51
CA VAL B 91 -7.99 18.22 12.99
C VAL B 91 -6.59 18.83 12.90
N LEU B 92 -5.77 18.65 13.95
CA LEU B 92 -4.37 19.12 13.98
C LEU B 92 -3.55 18.45 12.89
N MET B 93 -3.82 17.15 12.61
CA MET B 93 -3.15 16.38 11.56
C MET B 93 -3.55 16.93 10.19
N ALA B 94 -4.86 17.20 9.96
CA ALA B 94 -5.36 17.76 8.69
C ALA B 94 -4.79 19.16 8.44
N GLU B 95 -4.69 20.02 9.49
CA GLU B 95 -4.15 21.39 9.39
C GLU B 95 -2.70 21.40 8.95
N ALA B 96 -1.88 20.47 9.48
CA ALA B 96 -0.47 20.31 9.11
C ALA B 96 -0.36 19.87 7.64
N LEU B 97 -1.22 18.92 7.21
CA LEU B 97 -1.22 18.44 5.83
C LEU B 97 -1.68 19.54 4.87
N GLU B 98 -2.70 20.33 5.27
CA GLU B 98 -3.24 21.43 4.46
C GLU B 98 -2.20 22.54 4.26
N LYS B 99 -1.44 22.85 5.31
CA LYS B 99 -0.37 23.84 5.24
C LYS B 99 0.70 23.40 4.20
N LEU B 100 1.12 22.11 4.25
CA LEU B 100 2.09 21.53 3.31
C LEU B 100 1.50 21.55 1.89
N PHE B 101 0.21 21.16 1.76
CA PHE B 101 -0.51 21.15 0.48
C PHE B 101 -0.47 22.54 -0.19
N LEU B 102 -0.81 23.60 0.58
CA LEU B 102 -0.83 24.99 0.06
C LEU B 102 0.56 25.46 -0.36
N GLN B 103 1.61 25.01 0.34
CA GLN B 103 3.01 25.31 0.00
C GLN B 103 3.37 24.67 -1.34
N LYS B 104 2.99 23.38 -1.52
CA LYS B 104 3.28 22.63 -2.75
C LYS B 104 2.49 23.15 -3.96
N ILE B 105 1.24 23.58 -3.74
CA ILE B 105 0.33 24.10 -4.75
C ILE B 105 0.75 25.52 -5.21
N ASN B 106 1.56 26.23 -4.39
CA ASN B 106 2.11 27.53 -4.73
C ASN B 106 3.14 27.39 -5.85
N GLU B 107 3.87 26.25 -5.89
CA GLU B 107 4.88 25.92 -6.90
C GLU B 107 4.31 25.13 -8.10
N LEU B 108 2.98 25.15 -8.29
CA LEU B 108 2.27 24.48 -9.38
C LEU B 108 2.62 25.11 -10.75
N PRO B 109 2.98 24.29 -11.78
CA PRO B 109 3.29 24.87 -13.09
C PRO B 109 2.04 25.38 -13.83
N LYS C 1 2.77 14.84 -41.88
CA LYS C 1 3.40 13.97 -40.88
C LYS C 1 2.41 13.61 -39.77
N ARG C 2 2.25 12.29 -39.47
CA ARG C 2 1.34 11.85 -38.41
C ARG C 2 1.92 12.18 -37.04
N GLN C 3 1.10 12.77 -36.17
CA GLN C 3 1.50 13.11 -34.80
C GLN C 3 1.02 11.98 -33.88
N THR C 4 1.94 11.09 -33.45
CA THR C 4 1.57 9.99 -32.57
C THR C 4 2.42 10.10 -31.29
N ASN C 5 1.73 10.15 -30.12
CA ASN C 5 2.30 10.27 -28.78
C ASN C 5 3.28 9.12 -28.49
N GLN C 6 4.48 9.47 -28.01
CA GLN C 6 5.58 8.53 -27.72
C GLN C 6 5.27 7.56 -26.57
N LEU C 7 4.70 8.06 -25.46
CA LEU C 7 4.31 7.20 -24.34
C LEU C 7 3.21 6.22 -24.79
N GLN C 8 2.25 6.68 -25.63
CA GLN C 8 1.19 5.82 -26.20
C GLN C 8 1.78 4.69 -27.04
N TYR C 9 2.76 5.04 -27.91
CA TYR C 9 3.48 4.11 -28.76
C TYR C 9 4.24 3.08 -27.90
N LEU C 10 4.90 3.56 -26.83
CA LEU C 10 5.60 2.70 -25.88
C LEU C 10 4.69 1.65 -25.24
N LEU C 11 3.44 2.02 -24.93
CA LEU C 11 2.48 1.09 -24.36
C LEU C 11 1.93 0.13 -25.42
N ARG C 12 1.38 0.68 -26.51
CA ARG C 12 0.69 -0.12 -27.51
C ARG C 12 1.56 -0.88 -28.50
N VAL C 13 2.81 -0.44 -28.70
CA VAL C 13 3.69 -1.11 -29.67
C VAL C 13 4.87 -1.77 -29.01
N VAL C 14 5.69 -0.98 -28.33
CA VAL C 14 6.93 -1.44 -27.73
C VAL C 14 6.69 -2.48 -26.63
N LEU C 15 5.97 -2.11 -25.52
CA LEU C 15 5.68 -3.03 -24.43
C LEU C 15 4.93 -4.27 -24.91
N LYS C 16 3.91 -4.08 -25.78
CA LYS C 16 3.12 -5.18 -26.34
C LYS C 16 3.99 -6.24 -27.05
N THR C 17 4.95 -5.79 -27.89
CA THR C 17 5.87 -6.66 -28.63
C THR C 17 6.79 -7.43 -27.67
N LEU C 18 7.42 -6.73 -26.69
CA LEU C 18 8.31 -7.37 -25.73
C LEU C 18 7.58 -8.36 -24.84
N TRP C 19 6.36 -7.99 -24.38
CA TRP C 19 5.52 -8.83 -23.49
C TRP C 19 5.21 -10.18 -24.11
N LYS C 20 4.96 -10.21 -25.43
CA LYS C 20 4.60 -11.42 -26.19
C LYS C 20 5.80 -12.30 -26.59
N HIS C 21 7.03 -11.80 -26.44
CA HIS C 21 8.25 -12.53 -26.77
C HIS C 21 8.38 -13.78 -25.89
N GLN C 22 8.93 -14.86 -26.47
CA GLN C 22 9.12 -16.15 -25.78
C GLN C 22 9.99 -16.04 -24.51
N PHE C 23 10.87 -15.03 -24.42
CA PHE C 23 11.76 -14.84 -23.29
C PHE C 23 11.28 -13.78 -22.28
N ALA C 24 10.06 -13.26 -22.48
CA ALA C 24 9.51 -12.20 -21.62
C ALA C 24 9.11 -12.62 -20.21
N TRP C 25 8.63 -13.88 -20.03
CA TRP C 25 8.03 -14.35 -18.79
C TRP C 25 8.88 -14.12 -17.50
N PRO C 26 10.23 -14.26 -17.42
CA PRO C 26 10.91 -13.95 -16.13
C PRO C 26 10.95 -12.45 -15.81
N PHE C 27 10.52 -11.58 -16.76
CA PHE C 27 10.57 -10.11 -16.65
C PHE C 27 9.20 -9.46 -16.53
N GLN C 28 8.12 -10.26 -16.42
CA GLN C 28 6.75 -9.74 -16.37
C GLN C 28 6.31 -9.32 -14.98
N GLN C 29 7.09 -9.66 -13.95
CA GLN C 29 6.78 -9.31 -12.54
C GLN C 29 8.11 -9.03 -11.85
N PRO C 30 8.11 -8.34 -10.67
CA PRO C 30 9.39 -8.15 -9.94
C PRO C 30 10.06 -9.49 -9.60
N VAL C 31 11.38 -9.50 -9.52
CA VAL C 31 12.16 -10.70 -9.15
C VAL C 31 11.72 -11.17 -7.76
N ASP C 32 11.32 -12.45 -7.63
CA ASP C 32 10.92 -13.01 -6.33
C ASP C 32 12.15 -13.74 -5.79
N ALA C 33 13.00 -13.00 -5.06
CA ALA C 33 14.28 -13.43 -4.48
C ALA C 33 14.14 -14.59 -3.50
N VAL C 34 13.01 -14.69 -2.79
CA VAL C 34 12.74 -15.76 -1.83
C VAL C 34 12.52 -17.09 -2.58
N LYS C 35 11.52 -17.15 -3.48
CA LYS C 35 11.22 -18.38 -4.23
C LYS C 35 12.38 -18.85 -5.12
N LEU C 36 13.17 -17.89 -5.65
CA LEU C 36 14.28 -18.21 -6.54
C LEU C 36 15.60 -18.46 -5.80
N ASN C 37 15.65 -18.21 -4.47
CA ASN C 37 16.81 -18.33 -3.59
C ASN C 37 17.96 -17.45 -4.04
N LEU C 38 17.72 -16.13 -3.97
CA LEU C 38 18.67 -15.05 -4.30
C LEU C 38 18.61 -14.10 -3.06
N PRO C 39 19.15 -14.49 -1.86
CA PRO C 39 19.01 -13.63 -0.65
C PRO C 39 19.75 -12.29 -0.68
N ASP C 40 20.70 -12.15 -1.60
CA ASP C 40 21.57 -11.00 -1.85
C ASP C 40 21.02 -10.00 -2.89
N TYR C 41 19.96 -10.41 -3.65
CA TYR C 41 19.36 -9.63 -4.73
C TYR C 41 19.04 -8.19 -4.38
N TYR C 42 18.20 -7.98 -3.37
CA TYR C 42 17.72 -6.65 -2.99
C TYR C 42 18.77 -5.78 -2.27
N LYS C 43 19.98 -6.33 -2.06
CA LYS C 43 21.14 -5.63 -1.47
C LYS C 43 22.01 -5.14 -2.63
N ILE C 44 22.20 -5.97 -3.68
CA ILE C 44 22.98 -5.65 -4.87
C ILE C 44 22.19 -4.72 -5.80
N ILE C 45 20.90 -5.05 -6.05
CA ILE C 45 20.01 -4.28 -6.92
C ILE C 45 19.21 -3.27 -6.10
N LYS C 46 19.57 -1.99 -6.24
CA LYS C 46 18.94 -0.92 -5.45
C LYS C 46 17.70 -0.31 -6.10
N THR C 47 17.58 -0.40 -7.44
CA THR C 47 16.39 0.06 -8.16
C THR C 47 15.83 -1.14 -8.97
N PRO C 48 15.10 -2.08 -8.33
CA PRO C 48 14.53 -3.21 -9.09
C PRO C 48 13.54 -2.73 -10.14
N MET C 49 13.49 -3.39 -11.30
CA MET C 49 12.56 -3.01 -12.36
C MET C 49 12.14 -4.21 -13.15
N ASP C 50 10.89 -4.20 -13.64
CA ASP C 50 10.33 -5.29 -14.45
C ASP C 50 9.28 -4.70 -15.37
N MET C 51 8.85 -5.46 -16.39
CA MET C 51 7.85 -5.01 -17.37
C MET C 51 6.44 -4.85 -16.79
N GLY C 52 6.13 -5.59 -15.73
CA GLY C 52 4.85 -5.46 -15.03
C GLY C 52 4.74 -4.10 -14.38
N THR C 53 5.83 -3.62 -13.74
CA THR C 53 5.90 -2.28 -13.13
C THR C 53 5.84 -1.19 -14.21
N ILE C 54 6.57 -1.38 -15.33
CA ILE C 54 6.55 -0.42 -16.46
C ILE C 54 5.11 -0.30 -17.02
N LYS C 55 4.44 -1.45 -17.22
CA LYS C 55 3.06 -1.53 -17.71
C LYS C 55 2.14 -0.74 -16.78
N LYS C 56 2.24 -0.95 -15.45
CA LYS C 56 1.43 -0.21 -14.46
C LYS C 56 1.71 1.29 -14.53
N ARG C 57 3.00 1.68 -14.64
CA ARG C 57 3.39 3.11 -14.77
C ARG C 57 2.83 3.75 -16.02
N LEU C 58 2.84 3.02 -17.16
CA LEU C 58 2.27 3.54 -18.41
C LEU C 58 0.75 3.69 -18.30
N GLU C 59 0.09 2.79 -17.57
CA GLU C 59 -1.38 2.78 -17.41
C GLU C 59 -1.87 3.77 -16.36
N ASN C 60 -0.99 4.15 -15.41
CA ASN C 60 -1.34 5.02 -14.27
C ASN C 60 -0.77 6.42 -14.34
N ASN C 61 -0.45 6.89 -15.56
CA ASN C 61 0.08 8.23 -15.86
C ASN C 61 1.29 8.60 -15.03
N TYR C 62 2.15 7.63 -14.72
CA TYR C 62 3.32 7.90 -13.89
C TYR C 62 4.40 8.74 -14.60
N TYR C 63 4.73 8.40 -15.86
CA TYR C 63 5.85 9.00 -16.58
C TYR C 63 5.69 10.44 -17.00
N TRP C 64 6.74 11.25 -16.75
CA TRP C 64 6.78 12.65 -17.17
C TRP C 64 6.92 12.67 -18.69
N ASN C 65 7.74 11.76 -19.25
CA ASN C 65 8.02 11.66 -20.69
C ASN C 65 8.49 10.26 -21.09
N ALA C 66 8.64 10.03 -22.41
CA ALA C 66 9.10 8.78 -23.02
C ALA C 66 10.47 8.34 -22.54
N GLN C 67 11.40 9.31 -22.28
CA GLN C 67 12.75 8.98 -21.81
C GLN C 67 12.74 8.37 -20.42
N GLU C 68 11.81 8.78 -19.54
CA GLU C 68 11.71 8.22 -18.18
C GLU C 68 11.28 6.75 -18.25
N CYS C 69 10.42 6.42 -19.22
CA CYS C 69 9.98 5.05 -19.47
C CYS C 69 11.14 4.20 -20.03
N ILE C 70 11.86 4.74 -21.04
CA ILE C 70 13.04 4.09 -21.67
C ILE C 70 14.09 3.77 -20.62
N GLN C 71 14.31 4.69 -19.66
CA GLN C 71 15.26 4.46 -18.56
C GLN C 71 14.85 3.26 -17.72
N ASP C 72 13.52 3.06 -17.49
CA ASP C 72 13.04 1.90 -16.71
C ASP C 72 13.35 0.60 -17.39
N PHE C 73 13.18 0.54 -18.73
CA PHE C 73 13.54 -0.64 -19.52
C PHE C 73 15.04 -0.92 -19.43
N ASN C 74 15.89 0.14 -19.53
CA ASN C 74 17.34 0.00 -19.44
C ASN C 74 17.79 -0.47 -18.07
N THR C 75 17.16 0.04 -17.00
CA THR C 75 17.43 -0.39 -15.63
C THR C 75 17.11 -1.89 -15.48
N MET C 76 15.96 -2.36 -16.02
CA MET C 76 15.57 -3.77 -15.99
C MET C 76 16.67 -4.66 -16.61
N PHE C 77 17.15 -4.29 -17.80
CA PHE C 77 18.19 -5.06 -18.49
C PHE C 77 19.53 -5.02 -17.75
N THR C 78 20.01 -3.83 -17.32
CA THR C 78 21.30 -3.72 -16.64
C THR C 78 21.27 -4.37 -15.25
N ASN C 79 20.12 -4.33 -14.53
CA ASN C 79 19.99 -5.03 -13.24
C ASN C 79 20.31 -6.51 -13.43
N CYS C 80 19.80 -7.09 -14.53
CA CYS C 80 20.00 -8.50 -14.90
C CYS C 80 21.49 -8.78 -15.15
N TYR C 81 22.18 -7.86 -15.88
CA TYR C 81 23.61 -7.98 -16.20
C TYR C 81 24.49 -7.82 -14.96
N ILE C 82 24.10 -6.94 -14.03
CA ILE C 82 24.82 -6.71 -12.77
C ILE C 82 24.71 -7.94 -11.86
N TYR C 83 23.48 -8.41 -11.60
CA TYR C 83 23.27 -9.51 -10.67
C TYR C 83 23.78 -10.86 -11.15
N ASN C 84 23.42 -11.24 -12.36
CA ASN C 84 23.70 -12.57 -12.88
C ASN C 84 25.05 -12.70 -13.56
N LYS C 85 25.55 -13.93 -13.65
CA LYS C 85 26.82 -14.25 -14.29
C LYS C 85 26.66 -14.15 -15.80
N PRO C 86 27.68 -13.67 -16.56
CA PRO C 86 27.56 -13.65 -18.02
C PRO C 86 27.46 -15.09 -18.51
N GLY C 87 26.68 -15.32 -19.56
CA GLY C 87 26.50 -16.67 -20.07
C GLY C 87 25.35 -17.42 -19.42
N ASP C 88 24.76 -16.89 -18.32
CA ASP C 88 23.58 -17.48 -17.68
C ASP C 88 22.41 -17.36 -18.66
N ASP C 89 21.47 -18.31 -18.63
CA ASP C 89 20.29 -18.31 -19.50
C ASP C 89 19.48 -17.01 -19.38
N ILE C 90 19.28 -16.51 -18.14
CA ILE C 90 18.53 -15.27 -17.89
C ILE C 90 19.19 -14.06 -18.59
N VAL C 91 20.55 -14.02 -18.63
CA VAL C 91 21.33 -12.96 -19.28
C VAL C 91 21.12 -13.03 -20.80
N LEU C 92 21.16 -14.25 -21.37
CA LEU C 92 20.90 -14.48 -22.79
C LEU C 92 19.46 -14.07 -23.15
N MET C 93 18.50 -14.33 -22.25
CA MET C 93 17.09 -13.93 -22.42
C MET C 93 16.97 -12.40 -22.41
N ALA C 94 17.63 -11.71 -21.45
CA ALA C 94 17.61 -10.25 -21.37
C ALA C 94 18.25 -9.60 -22.59
N GLU C 95 19.38 -10.16 -23.10
CA GLU C 95 20.09 -9.66 -24.29
C GLU C 95 19.23 -9.71 -25.53
N ALA C 96 18.47 -10.81 -25.72
CA ALA C 96 17.54 -10.98 -26.84
C ALA C 96 16.40 -9.94 -26.75
N LEU C 97 15.85 -9.72 -25.54
CA LEU C 97 14.79 -8.74 -25.31
C LEU C 97 15.30 -7.33 -25.53
N GLU C 98 16.54 -7.04 -25.08
CA GLU C 98 17.16 -5.71 -25.22
C GLU C 98 17.41 -5.38 -26.69
N LYS C 99 17.86 -6.37 -27.48
CA LYS C 99 18.08 -6.21 -28.92
C LYS C 99 16.76 -5.83 -29.60
N LEU C 100 15.64 -6.55 -29.30
CA LEU C 100 14.30 -6.28 -29.84
C LEU C 100 13.85 -4.88 -29.40
N PHE C 101 14.07 -4.54 -28.11
CA PHE C 101 13.70 -3.24 -27.54
C PHE C 101 14.36 -2.10 -28.32
N LEU C 102 15.68 -2.18 -28.55
CA LEU C 102 16.44 -1.16 -29.29
C LEU C 102 15.96 -1.00 -30.73
N GLN C 103 15.56 -2.12 -31.37
CA GLN C 103 15.00 -2.11 -32.73
C GLN C 103 13.66 -1.35 -32.73
N LYS C 104 12.77 -1.65 -31.76
CA LYS C 104 11.46 -1.00 -31.66
C LYS C 104 11.56 0.48 -31.32
N ILE C 105 12.51 0.85 -30.44
CA ILE C 105 12.74 2.22 -29.98
C ILE C 105 13.35 3.09 -31.10
N ASN C 106 13.99 2.45 -32.11
CA ASN C 106 14.55 3.15 -33.27
C ASN C 106 13.42 3.74 -34.13
N GLU C 107 12.25 3.05 -34.17
CA GLU C 107 11.06 3.45 -34.91
C GLU C 107 10.06 4.29 -34.10
N LEU C 108 10.48 4.83 -32.94
CA LEU C 108 9.64 5.66 -32.06
C LEU C 108 9.29 6.99 -32.77
N PRO C 109 8.01 7.46 -32.73
CA PRO C 109 7.67 8.72 -33.40
C PRO C 109 8.16 9.96 -32.65
C4 8NG D . -4.51 5.04 18.28
C5 8NG D . 0.76 2.49 16.45
C6 8NG D . -1.92 0.79 13.60
C7 8NG D . -2.91 6.46 17.18
C8 8NG D . 1.85 2.49 17.30
C10 8NG D . -1.75 1.30 14.87
C13 8NG D . -2.83 4.10 16.92
C15 8NG D . -2.31 5.34 16.65
C17 8NG D . -1.09 -0.70 16.09
C20 8NG D . -4.51 -1.56 11.12
C21 8NG D . -0.64 -2.86 17.18
C22 8NG D . -3.00 -1.58 11.25
C1 8NG D . -3.27 2.67 12.99
C2 8NG D . -3.13 3.19 14.26
C3 8NG D . -3.91 3.92 17.73
C9 8NG D . 0.23 1.17 16.49
C11 8NG D . -2.68 1.48 12.67
C12 8NG D . -2.38 2.50 15.18
C14 8NG D . -4.00 6.28 18.01
C16 8NG D . 1.01 0.41 17.33
C18 8NG D . -0.86 0.60 15.83
C19 8NG D . 0.80 -0.98 17.62
N23 8NG D . 1.99 1.23 17.82
N24 8NG D . -0.30 -1.48 16.94
N25 8NG D . -2.93 1.08 11.32
O26 8NG D . 1.51 -1.65 18.39
O27 8NG D . -2.51 -0.20 9.15
O28 8NG D . -0.73 -0.22 10.91
O29 8NG D . -2.18 2.99 16.45
F30 8NG D . -4.62 7.33 18.56
F31 8NG D . -1.22 5.45 15.86
S32 8NG D . -2.13 -0.18 10.55
H4 8NG D . -5.37 4.94 18.93
H5 8NG D . 0.39 3.34 15.89
H6 8NG D . -1.44 -0.14 13.36
H7 8NG D . -2.53 7.46 16.98
H8 8NG D . 2.54 3.28 17.55
H17 8NG D . -1.90 -1.22 15.62
H203 8NG D . -4.92 -2.57 11.16
H202 8NG D . -4.80 -1.12 10.16
H201 8NG D . -4.96 -0.98 11.93
H212 8NG D . -1.41 -3.20 16.46
H213 8NG D . -1.03 -2.93 18.19
H211 8NG D . 0.24 -3.47 17.09
H1 8NG D . -3.88 3.20 12.28
H2 8NG D . -3.63 4.12 14.49
H3 8NG D . -4.30 2.95 17.95
H23 8NG D . 2.72 0.95 18.46
H9 8NG D . -2.71 -1.64 12.31
H10 8NG D . -2.62 -2.46 10.74
H11 8NG D . -3.18 1.85 10.69
S SO4 E . -5.75 2.13 9.69
O1 SO4 E . -7.08 2.71 9.65
O2 SO4 E . -5.61 1.20 8.59
O3 SO4 E . -4.71 3.14 9.59
O4 SO4 E . -5.63 1.44 10.97
C4 8NG F . -5.44 9.86 15.07
C5 8NG F . -11.33 9.45 13.14
C6 8NG F . -9.37 7.09 10.20
C7 8NG F . -6.91 8.43 16.37
C8 8NG F . -12.26 10.36 13.59
C10 8NG F . -9.23 8.13 11.11
C13 8NG F . -7.43 9.00 14.12
C15 8NG F . -7.75 8.34 15.29
C17 8NG F . -9.91 10.01 9.76
C20 8NG F . -7.51 5.29 6.77
C21 8NG F . -10.37 11.80 8.16
C22 8NG F . -8.95 5.68 7.07
C1 8NG F . -7.79 5.78 11.43
C2 8NG F . -7.65 6.78 12.35
C3 8NG F . -6.30 9.76 13.99
C9 8NG F . -10.97 9.88 11.84
C11 8NG F . -8.65 5.93 10.36
C12 8NG F . -8.38 7.95 12.18
C14 8NG F . -5.76 9.20 16.24
C16 8NG F . -11.67 11.03 11.53
C18 8NG F . -10.04 9.35 10.91
C19 8NG F . -11.57 11.77 10.30
N23 8NG F . -12.46 11.31 12.61
N24 8NG F . -10.63 11.17 9.44
N25 8NG F . -8.69 4.79 9.52
O26 8NG F . -12.21 12.78 10.03
O27 8NG F . -9.65 3.25 7.68
O28 8NG F . -11.07 5.13 8.53
O29 8NG F . -8.29 9.00 13.06
F30 8NG F . -4.90 9.35 17.25
F31 8NG F . -8.89 7.63 15.38
S32 8NG F . -9.76 4.59 8.23
H4 8NG F . -4.54 10.44 15.01
H5 8NG F . -10.97 8.59 13.67
H6 8NG F . -10.05 7.22 9.38
H7 8NG F . -7.13 7.93 17.30
H8 8NG F . -12.81 10.41 14.52
H17 8NG F . -9.23 9.67 9.00
H203 8NG F . -7.01 6.07 6.21
H202 8NG F . -7.49 4.38 6.16
H201 8NG F . -6.95 5.11 7.69
H212 8NG F . -9.82 12.73 8.36
H213 8NG F . -11.32 12.04 7.67
H211 8NG F . -9.78 11.15 7.52
H1 8NG F . -7.21 4.87 11.54
H2 8NG F . -6.95 6.65 13.17
H3 8NG F . -6.07 10.27 13.07
H23 8NG F . -13.12 12.08 12.68
H9 8NG F . -9.01 6.69 7.47
H10 8NG F . -9.55 5.64 6.16
H11 8NG F . -8.52 3.92 10.03
C4 8NG G . 15.34 -19.10 -16.94
C5 8NG G . 16.47 -15.89 -11.92
C6 8NG G . 12.31 -14.93 -12.39
C7 8NG G . 15.51 -20.31 -14.84
C8 8NG G . 17.78 -15.61 -11.60
C10 8NG G . 13.49 -15.28 -13.00
C13 8NG G . 14.98 -17.99 -14.87
C15 8NG G . 15.23 -19.15 -14.16
C17 8NG G . 14.46 -13.13 -13.41
C20 8NG G . 8.47 -13.32 -13.12
C21 8NG G . 15.17 -10.87 -13.99
C22 8NG G . 9.43 -12.92 -12.03
C1 8NG G . 11.34 -17.02 -12.96
C2 8NG G . 12.50 -17.39 -13.59
C3 8NG G . 15.04 -17.95 -16.25
C9 8NG G . 15.93 -14.69 -12.45
C11 8NG G . 11.24 -15.79 -12.35
C12 8NG G . 13.56 -16.52 -13.60
C14 8NG G . 15.57 -20.26 -16.22
C16 8NG G . 16.92 -13.73 -12.46
C18 8NG G . 14.64 -14.37 -12.96
C19 8NG G . 16.75 -12.38 -12.92
N23 8NG G . 18.04 -14.31 -11.92
N24 8NG G . 15.46 -12.15 -13.41
N25 8NG G . 9.96 -15.54 -11.74
O26 8NG G . 17.65 -11.54 -12.89
O27 8NG G . 8.36 -14.35 -10.15
O28 8NG G . 10.81 -13.87 -9.98
O29 8NG G . 14.77 -16.81 -14.20
F30 8NG G . 15.86 -21.35 -16.93
F31 8NG G . 15.18 -19.13 -12.81
S32 8NG G . 9.64 -14.18 -10.79
H4 8NG G . 15.39 -19.10 -18.02
H5 8NG G . 15.97 -16.83 -11.77
H6 8NG G . 12.26 -13.95 -11.91
H7 8NG G . 15.71 -21.24 -14.32
H8 8NG G . 18.55 -16.23 -11.16
H17 8NG G . 13.51 -12.81 -13.81
H203 8NG G . 8.21 -12.46 -13.74
H202 8NG G . 7.55 -13.70 -12.66
H201 8NG G . 8.88 -14.09 -13.76
H212 8NG G . 15.70 -10.81 -14.95
H213 8NG G . 15.52 -10.08 -13.34
H211 8NG G . 14.09 -10.75 -14.17
H1 8NG G . 10.50 -17.71 -12.95
H2 8NG G . 12.54 -18.38 -14.06
H3 8NG G . 14.87 -17.03 -16.78
H23 8NG G . 18.92 -13.84 -11.77
H9 8NG G . 10.42 -12.69 -12.44
H10 8NG G . 9.05 -12.04 -11.51
H11 8NG G . 9.47 -16.40 -11.45
S SO4 H . 7.05 -17.56 -12.82
O1 SO4 H . 5.71 -18.06 -12.59
O2 SO4 H . 7.36 -17.64 -14.23
O3 SO4 H . 8.01 -18.38 -12.10
O4 SO4 H . 7.10 -16.18 -12.41
#